data_3Q3F
#
_entry.id   3Q3F
#
_cell.length_a   86.872
_cell.length_b   86.872
_cell.length_c   75.571
_cell.angle_alpha   90.00
_cell.angle_beta   90.00
_cell.angle_gamma   120.00
#
_symmetry.space_group_name_H-M   'P 32 2 1'
#
loop_
_entity.id
_entity.type
_entity.pdbx_description
1 polymer 'Ribonuclease/Ubiquitin chimeric protein'
2 non-polymer 'SULFATE ION'
3 water water
#
_entity_poly.entity_id   1
_entity_poly.type   'polypeptide(L)'
_entity_poly.pdbx_seq_one_letter_code
;MAQVINTFDGVADYLQTYHKLPDNYITKSEAQALGWVASKGNLADVAPGKSIGGDIFSNREGKLPGKSGRTWREADINYT
SGFRNSDRILYSSDWLIYKTTDHYGGQIFVKTLTGKTITLEVEPSDTIENVKAKIQDKEGIPPDQQRLIFAGKQLEDGRT
LSDYNIQKESTLHLVLRLRGGGQTFTKIR
;
_entity_poly.pdbx_strand_id   A
#
loop_
_chem_comp.id
_chem_comp.type
_chem_comp.name
_chem_comp.formula
SO4 non-polymer 'SULFATE ION' 'O4 S -2'
#
# COMPACT_ATOMS: atom_id res chain seq x y z
N ALA A 2 12.59 7.22 26.63
CA ALA A 2 12.65 8.04 25.42
C ALA A 2 11.38 8.86 25.22
N GLN A 3 11.46 9.88 24.38
CA GLN A 3 10.30 10.72 24.07
C GLN A 3 9.69 10.33 22.74
N VAL A 4 8.54 9.67 22.79
CA VAL A 4 7.87 9.22 21.59
C VAL A 4 7.13 10.39 20.94
N ILE A 5 7.46 10.66 19.68
CA ILE A 5 6.70 11.62 18.89
C ILE A 5 5.96 10.81 17.83
N ASN A 6 4.63 10.76 17.95
CA ASN A 6 3.85 9.88 17.10
C ASN A 6 2.49 10.44 16.72
N THR A 7 2.29 11.75 16.97
CA THR A 7 1.06 12.44 16.56
C THR A 7 1.23 13.11 15.20
N PHE A 8 0.12 13.35 14.50
CA PHE A 8 0.15 14.10 13.24
C PHE A 8 0.89 15.42 13.41
N ASP A 9 0.43 16.23 14.36
CA ASP A 9 1.03 17.54 14.59
C ASP A 9 2.51 17.48 14.99
N GLY A 10 2.83 16.57 15.91
CA GLY A 10 4.19 16.42 16.39
C GLY A 10 5.17 15.86 15.37
N VAL A 11 4.78 14.80 14.66
CA VAL A 11 5.63 14.25 13.61
C VAL A 11 5.76 15.25 12.44
N ALA A 12 4.66 15.87 12.05
CA ALA A 12 4.69 16.87 10.97
C ALA A 12 5.67 17.99 11.26
N ASP A 13 5.58 18.56 12.47
CA ASP A 13 6.48 19.64 12.87
C ASP A 13 7.93 19.17 12.93
N TYR A 14 8.15 17.96 13.44
CA TYR A 14 9.50 17.43 13.53
C TYR A 14 10.11 17.24 12.13
N LEU A 15 9.33 16.66 11.23
CA LEU A 15 9.77 16.42 9.87
C LEU A 15 10.15 17.73 9.19
N GLN A 16 9.34 18.77 9.42
CA GLN A 16 9.57 20.08 8.81
C GLN A 16 10.80 20.76 9.40
N THR A 17 11.01 20.56 10.71
CA THR A 17 12.14 21.18 11.39
C THR A 17 13.48 20.48 11.12
N TYR A 18 13.50 19.16 11.22
CA TYR A 18 14.76 18.41 11.10
C TYR A 18 14.94 17.61 9.82
N HIS A 19 13.90 17.52 9.00
CA HIS A 19 14.02 16.76 7.75
C HIS A 19 14.45 15.31 7.95
N LYS A 20 13.85 14.67 8.95
CA LYS A 20 13.98 13.24 9.20
C LYS A 20 12.89 12.84 10.18
N LEU A 21 12.58 11.55 10.27
CA LEU A 21 11.63 11.06 11.26
C LEU A 21 12.24 11.08 12.66
N PRO A 22 11.39 11.20 13.69
CA PRO A 22 11.81 11.04 15.08
C PRO A 22 12.45 9.67 15.33
N ASP A 23 13.17 9.54 16.45
CA ASP A 23 13.96 8.34 16.73
C ASP A 23 13.16 7.08 17.02
N ASN A 24 11.85 7.23 17.23
CA ASN A 24 11.00 6.07 17.52
C ASN A 24 10.51 5.35 16.26
N TYR A 25 10.97 5.80 15.09
CA TYR A 25 10.56 5.18 13.83
C TYR A 25 11.62 4.22 13.32
N ILE A 26 11.18 3.05 12.83
CA ILE A 26 12.06 2.12 12.13
C ILE A 26 11.42 1.73 10.79
N THR A 27 12.24 1.40 9.79
CA THR A 27 11.73 0.93 8.50
C THR A 27 11.14 -0.47 8.60
N LYS A 28 10.35 -0.85 7.60
CA LYS A 28 9.78 -2.19 7.55
C LYS A 28 10.86 -3.27 7.60
N SER A 29 11.96 -3.06 6.87
CA SER A 29 13.01 -4.07 6.86
C SER A 29 13.72 -4.17 8.22
N GLU A 30 13.97 -3.03 8.88
CA GLU A 30 14.46 -3.07 10.24
C GLU A 30 13.49 -3.83 11.16
N ALA A 31 12.20 -3.54 11.05
CA ALA A 31 11.19 -4.26 11.83
C ALA A 31 11.16 -5.76 11.51
N GLN A 32 11.22 -6.11 10.23
CA GLN A 32 11.25 -7.51 9.83
C GLN A 32 12.44 -8.24 10.45
N ALA A 33 13.58 -7.56 10.52
CA ALA A 33 14.79 -8.15 11.07
C ALA A 33 14.64 -8.46 12.55
N LEU A 34 13.77 -7.72 13.23
CA LEU A 34 13.51 -7.93 14.66
C LEU A 34 12.44 -9.00 14.92
N GLY A 35 11.72 -9.42 13.90
CA GLY A 35 10.74 -10.48 14.08
C GLY A 35 9.31 -10.09 13.72
N TRP A 36 9.09 -8.83 13.38
CA TRP A 36 7.77 -8.37 12.95
C TRP A 36 7.31 -9.14 11.73
N VAL A 37 6.09 -9.69 11.80
CA VAL A 37 5.51 -10.41 10.68
C VAL A 37 4.23 -9.68 10.25
N ALA A 38 4.21 -9.17 9.02
CA ALA A 38 3.07 -8.40 8.57
C ALA A 38 1.80 -9.23 8.69
N SER A 39 0.79 -8.62 9.30
CA SER A 39 -0.52 -9.21 9.55
C SER A 39 -0.65 -9.95 10.91
N LYS A 40 0.45 -10.10 11.63
CA LYS A 40 0.40 -10.76 12.94
C LYS A 40 0.20 -9.79 14.10
N GLY A 41 0.34 -8.50 13.84
CA GLY A 41 0.20 -7.51 14.91
C GLY A 41 1.26 -7.57 16.00
N ASN A 42 2.44 -8.09 15.69
CA ASN A 42 3.48 -8.24 16.72
C ASN A 42 4.58 -7.17 16.74
N LEU A 43 4.36 -6.02 16.10
CA LEU A 43 5.40 -4.99 16.11
C LEU A 43 5.85 -4.60 17.51
N ALA A 44 4.89 -4.34 18.40
CA ALA A 44 5.26 -3.82 19.70
C ALA A 44 5.89 -4.92 20.56
N ASP A 45 5.63 -6.17 20.22
CA ASP A 45 6.29 -7.27 20.92
C ASP A 45 7.80 -7.27 20.68
N VAL A 46 8.18 -7.14 19.41
CA VAL A 46 9.60 -7.27 19.06
C VAL A 46 10.32 -5.94 19.04
N ALA A 47 9.58 -4.83 19.08
CA ALA A 47 10.16 -3.50 19.01
C ALA A 47 9.34 -2.53 19.84
N PRO A 48 9.32 -2.72 21.16
CA PRO A 48 8.44 -1.90 22.00
C PRO A 48 8.75 -0.41 21.82
N GLY A 49 7.70 0.38 21.62
CA GLY A 49 7.84 1.83 21.52
C GLY A 49 8.18 2.34 20.13
N LYS A 50 8.37 1.43 19.17
CA LYS A 50 8.67 1.83 17.78
C LYS A 50 7.40 1.84 16.93
N SER A 51 7.46 2.57 15.83
CA SER A 51 6.41 2.60 14.83
C SER A 51 7.11 2.41 13.49
N ILE A 52 6.39 1.86 12.51
CA ILE A 52 6.94 1.70 11.16
C ILE A 52 6.92 3.06 10.47
N GLY A 53 7.99 3.41 9.78
CA GLY A 53 8.01 4.63 8.98
C GLY A 53 9.28 4.79 8.17
N GLY A 54 9.19 5.59 7.12
CA GLY A 54 10.33 5.91 6.29
C GLY A 54 10.35 5.26 4.92
N ASP A 55 9.38 4.39 4.64
CA ASP A 55 9.38 3.71 3.35
C ASP A 55 8.67 4.46 2.23
N ILE A 56 9.08 4.20 1.00
CA ILE A 56 8.54 4.86 -0.18
C ILE A 56 7.04 4.59 -0.36
N PHE A 57 6.28 5.65 -0.62
CA PHE A 57 4.86 5.56 -0.93
C PHE A 57 4.72 5.88 -2.41
N SER A 58 4.14 4.97 -3.19
CA SER A 58 4.19 5.13 -4.65
C SER A 58 3.20 6.15 -5.26
N ASN A 59 2.11 6.47 -4.57
CA ASN A 59 1.21 7.50 -5.09
C ASN A 59 0.71 7.16 -6.52
N ARG A 60 0.54 5.87 -6.81
CA ARG A 60 0.03 5.41 -8.12
C ARG A 60 -1.36 5.95 -8.49
N GLU A 61 -2.11 6.43 -7.52
CA GLU A 61 -3.44 6.96 -7.79
C GLU A 61 -3.44 8.49 -7.92
N GLY A 62 -2.29 9.12 -7.70
CA GLY A 62 -2.16 10.54 -7.94
C GLY A 62 -2.93 11.42 -6.98
N LYS A 63 -3.31 10.86 -5.85
CA LYS A 63 -4.02 11.62 -4.82
C LYS A 63 -3.14 12.66 -4.12
N LEU A 64 -1.84 12.42 -4.09
CA LEU A 64 -0.89 13.43 -3.63
C LEU A 64 -0.30 14.19 -4.83
N PRO A 65 -0.01 15.49 -4.67
CA PRO A 65 0.56 16.33 -5.74
C PRO A 65 1.84 15.74 -6.30
N GLY A 66 1.90 15.62 -7.63
CA GLY A 66 3.05 15.03 -8.30
C GLY A 66 3.92 16.09 -8.94
N LYS A 67 5.16 15.72 -9.21
CA LYS A 67 6.14 16.63 -9.80
C LYS A 67 7.38 15.81 -10.12
N SER A 68 8.08 16.18 -11.18
CA SER A 68 9.28 15.47 -11.59
C SER A 68 10.31 15.49 -10.47
N GLY A 69 10.89 14.33 -10.18
CA GLY A 69 11.91 14.22 -9.16
C GLY A 69 11.39 14.20 -7.72
N ARG A 70 10.09 14.44 -7.54
CA ARG A 70 9.50 14.37 -6.21
C ARG A 70 9.13 12.94 -5.88
N THR A 71 9.66 12.41 -4.79
CA THR A 71 9.16 11.13 -4.27
C THR A 71 8.52 11.30 -2.88
N TRP A 72 7.72 10.32 -2.50
CA TRP A 72 6.98 10.39 -1.26
C TRP A 72 7.34 9.23 -0.34
N ARG A 73 7.27 9.50 0.96
CA ARG A 73 7.46 8.47 1.97
C ARG A 73 6.32 8.55 2.99
N GLU A 74 6.10 7.46 3.71
CA GLU A 74 5.03 7.38 4.70
C GLU A 74 5.56 7.01 6.07
N ALA A 75 4.82 7.38 7.11
CA ALA A 75 5.09 6.87 8.44
C ALA A 75 3.80 6.64 9.24
N ASP A 76 3.79 5.60 10.07
CA ASP A 76 2.63 5.32 10.90
C ASP A 76 2.45 6.37 12.00
N ILE A 77 1.20 6.77 12.20
CA ILE A 77 0.84 7.79 13.20
C ILE A 77 -0.08 7.18 14.25
N ASN A 78 0.03 7.68 15.48
CA ASN A 78 -0.79 7.21 16.62
C ASN A 78 -0.75 5.71 16.89
N TYR A 79 0.42 5.10 16.74
CA TYR A 79 0.54 3.68 16.97
C TYR A 79 1.26 3.39 18.28
N THR A 80 0.73 2.42 19.04
CA THR A 80 1.38 1.95 20.26
C THR A 80 1.63 0.44 20.25
N SER A 81 0.58 -0.35 19.97
CA SER A 81 0.75 -1.79 19.87
C SER A 81 -0.42 -2.44 19.11
N GLY A 82 -0.28 -3.73 18.78
CA GLY A 82 -1.30 -4.44 18.01
C GLY A 82 -1.08 -4.28 16.51
N PHE A 83 -2.12 -4.59 15.73
CA PHE A 83 -2.12 -4.33 14.28
C PHE A 83 -1.83 -2.85 14.03
N ARG A 84 -1.13 -2.56 12.95
CA ARG A 84 -0.96 -1.17 12.54
C ARG A 84 -2.34 -0.57 12.30
N ASN A 85 -2.50 0.72 12.59
CA ASN A 85 -3.78 1.38 12.42
C ASN A 85 -3.94 1.99 11.02
N SER A 86 -4.91 2.88 10.85
CA SER A 86 -5.21 3.45 9.53
C SER A 86 -4.69 4.88 9.39
N ASP A 87 -3.84 5.30 10.32
CA ASP A 87 -3.29 6.66 10.33
C ASP A 87 -1.90 6.70 9.69
N ARG A 88 -1.71 7.59 8.72
CA ARG A 88 -0.40 7.77 8.10
C ARG A 88 -0.08 9.23 7.87
N ILE A 89 1.20 9.57 7.98
CA ILE A 89 1.66 10.85 7.52
C ILE A 89 2.50 10.65 6.25
N LEU A 90 2.29 11.51 5.26
CA LEU A 90 2.97 11.40 3.99
C LEU A 90 3.85 12.65 3.80
N TYR A 91 5.11 12.45 3.43
CA TYR A 91 6.04 13.58 3.27
C TYR A 91 6.90 13.38 2.01
N SER A 92 7.12 14.48 1.29
CA SER A 92 7.84 14.42 0.01
C SER A 92 9.32 14.78 0.14
N SER A 93 10.08 14.49 -0.91
CA SER A 93 11.51 14.80 -0.93
C SER A 93 11.76 16.30 -0.88
N ASP A 94 10.74 17.09 -1.22
CA ASP A 94 10.82 18.54 -1.03
C ASP A 94 9.96 19.01 0.16
N TRP A 95 9.62 18.07 1.04
CA TRP A 95 9.03 18.37 2.35
C TRP A 95 7.63 18.97 2.34
N LEU A 96 6.79 18.54 1.42
CA LEU A 96 5.34 18.76 1.56
C LEU A 96 4.85 17.69 2.54
N ILE A 97 3.85 18.02 3.35
CA ILE A 97 3.32 17.08 4.33
C ILE A 97 1.82 16.85 4.17
N TYR A 98 1.41 15.59 4.03
CA TYR A 98 0.00 15.24 4.04
C TYR A 98 -0.32 14.17 5.09
N LYS A 99 -1.60 14.01 5.38
CA LYS A 99 -2.04 13.03 6.36
C LYS A 99 -3.26 12.31 5.84
N THR A 100 -3.40 11.06 6.30
CA THR A 100 -4.61 10.31 6.04
C THR A 100 -5.02 9.54 7.30
N THR A 101 -6.33 9.47 7.54
CA THR A 101 -6.84 8.68 8.65
C THR A 101 -7.60 7.46 8.16
N ASP A 102 -7.63 7.25 6.83
CA ASP A 102 -8.39 6.13 6.27
C ASP A 102 -7.58 5.18 5.38
N HIS A 103 -6.34 4.94 5.77
CA HIS A 103 -5.46 3.99 5.10
C HIS A 103 -5.73 2.59 5.64
N TYR A 104 -6.75 1.94 5.10
CA TYR A 104 -7.18 0.64 5.58
C TYR A 104 -6.51 -0.53 4.87
N GLY A 105 -5.62 -0.23 3.92
CA GLY A 105 -5.06 -1.28 3.09
C GLY A 105 -3.68 -1.73 3.54
N GLY A 106 -2.92 -2.26 2.59
CA GLY A 106 -1.59 -2.77 2.82
C GLY A 106 -1.18 -3.49 1.55
N GLN A 107 -0.11 -4.27 1.62
CA GLN A 107 0.37 -4.99 0.45
C GLN A 107 -0.34 -6.31 0.24
N ILE A 108 -0.59 -6.62 -1.04
CA ILE A 108 -0.91 -7.97 -1.46
C ILE A 108 0.22 -8.42 -2.37
N PHE A 109 0.21 -9.69 -2.75
CA PHE A 109 1.12 -10.23 -3.74
C PHE A 109 0.36 -10.57 -5.02
N VAL A 110 1.01 -10.38 -6.17
CA VAL A 110 0.46 -10.84 -7.43
C VAL A 110 1.48 -11.75 -8.15
N LYS A 111 1.09 -13.00 -8.39
CA LYS A 111 1.93 -13.95 -9.10
C LYS A 111 1.71 -13.84 -10.61
N THR A 112 2.73 -13.38 -11.33
CA THR A 112 2.62 -13.16 -12.76
C THR A 112 2.84 -14.45 -13.54
N LEU A 113 2.62 -14.39 -14.86
CA LEU A 113 2.68 -15.56 -15.73
C LEU A 113 4.09 -16.10 -15.95
N THR A 114 5.08 -15.28 -15.65
CA THR A 114 6.48 -15.69 -15.79
C THR A 114 6.97 -16.45 -14.56
N GLY A 115 6.17 -16.45 -13.50
CA GLY A 115 6.57 -17.09 -12.26
C GLY A 115 6.96 -16.07 -11.20
N LYS A 116 7.31 -14.87 -11.63
CA LYS A 116 7.67 -13.79 -10.72
C LYS A 116 6.47 -13.31 -9.88
N THR A 117 6.70 -13.07 -8.60
CA THR A 117 5.70 -12.50 -7.70
C THR A 117 6.04 -11.05 -7.34
N ILE A 118 5.09 -10.14 -7.54
CA ILE A 118 5.31 -8.75 -7.18
C ILE A 118 4.43 -8.34 -6.01
N THR A 119 4.80 -7.26 -5.33
CA THR A 119 3.96 -6.71 -4.27
C THR A 119 3.29 -5.46 -4.79
N LEU A 120 2.12 -5.17 -4.24
CA LEU A 120 1.35 -4.04 -4.68
C LEU A 120 0.59 -3.47 -3.47
N GLU A 121 0.67 -2.16 -3.28
CA GLU A 121 -0.09 -1.51 -2.23
C GLU A 121 -1.53 -1.31 -2.71
N VAL A 122 -2.48 -1.85 -1.96
CA VAL A 122 -3.90 -1.73 -2.31
C VAL A 122 -4.79 -1.41 -1.11
N GLU A 123 -5.99 -0.89 -1.37
CA GLU A 123 -7.04 -0.71 -0.37
C GLU A 123 -8.15 -1.72 -0.63
N PRO A 124 -8.86 -2.16 0.43
CA PRO A 124 -9.97 -3.12 0.30
C PRO A 124 -11.11 -2.57 -0.55
N SER A 125 -11.20 -1.25 -0.59
CA SER A 125 -12.20 -0.56 -1.39
C SER A 125 -11.78 -0.34 -2.85
N ASP A 126 -10.58 -0.79 -3.23
CA ASP A 126 -10.16 -0.67 -4.64
C ASP A 126 -11.04 -1.55 -5.51
N THR A 127 -11.52 -1.01 -6.63
CA THR A 127 -12.27 -1.83 -7.59
C THR A 127 -11.28 -2.69 -8.36
N ILE A 128 -11.76 -3.80 -8.91
CA ILE A 128 -10.90 -4.67 -9.70
C ILE A 128 -10.24 -3.95 -10.90
N GLU A 129 -10.99 -3.09 -11.58
CA GLU A 129 -10.45 -2.36 -12.73
C GLU A 129 -9.36 -1.39 -12.31
N ASN A 130 -9.47 -0.88 -11.08
CA ASN A 130 -8.42 -0.02 -10.52
C ASN A 130 -7.16 -0.83 -10.12
N VAL A 131 -7.36 -2.04 -9.62
CA VAL A 131 -6.21 -2.91 -9.34
C VAL A 131 -5.45 -3.26 -10.63
N LYS A 132 -6.19 -3.52 -11.72
CA LYS A 132 -5.55 -3.83 -13.00
C LYS A 132 -4.73 -2.67 -13.51
N ALA A 133 -5.23 -1.44 -13.31
CA ALA A 133 -4.47 -0.24 -13.66
C ALA A 133 -3.17 -0.12 -12.86
N LYS A 134 -3.22 -0.48 -11.58
CA LYS A 134 -2.02 -0.43 -10.75
C LYS A 134 -1.00 -1.46 -11.21
N ILE A 135 -1.47 -2.66 -11.55
CA ILE A 135 -0.56 -3.67 -12.10
C ILE A 135 0.07 -3.18 -13.41
N GLN A 136 -0.72 -2.48 -14.22
CA GLN A 136 -0.19 -1.92 -15.45
C GLN A 136 0.85 -0.87 -15.10
N ASP A 137 0.51 0.02 -14.17
CA ASP A 137 1.39 1.13 -13.81
C ASP A 137 2.74 0.64 -13.29
N LYS A 138 2.72 -0.44 -12.50
CA LYS A 138 3.93 -0.92 -11.85
C LYS A 138 4.70 -1.95 -12.68
N GLU A 139 3.98 -2.83 -13.37
CA GLU A 139 4.61 -3.93 -14.06
C GLU A 139 4.57 -3.83 -15.57
N GLY A 140 3.74 -2.93 -16.10
CA GLY A 140 3.68 -2.73 -17.54
C GLY A 140 2.83 -3.73 -18.29
N ILE A 141 2.01 -4.51 -17.58
CA ILE A 141 1.08 -5.45 -18.21
C ILE A 141 -0.25 -4.78 -18.53
N PRO A 142 -0.63 -4.74 -19.82
CA PRO A 142 -1.92 -4.10 -20.15
C PRO A 142 -3.09 -4.80 -19.47
N PRO A 143 -4.08 -4.02 -19.02
CA PRO A 143 -5.29 -4.60 -18.42
C PRO A 143 -5.94 -5.68 -19.30
N ASP A 144 -5.91 -5.53 -20.62
CA ASP A 144 -6.51 -6.55 -21.48
C ASP A 144 -5.75 -7.89 -21.53
N GLN A 145 -4.54 -7.93 -20.96
CA GLN A 145 -3.84 -9.20 -20.84
C GLN A 145 -4.01 -9.76 -19.43
N GLN A 146 -4.74 -9.04 -18.58
CA GLN A 146 -4.86 -9.41 -17.16
C GLN A 146 -6.15 -10.15 -16.85
N ARG A 147 -6.02 -11.36 -16.32
CA ARG A 147 -7.16 -12.07 -15.75
C ARG A 147 -6.74 -12.56 -14.38
N LEU A 148 -7.42 -12.06 -13.34
CA LEU A 148 -7.04 -12.28 -11.95
C LEU A 148 -7.92 -13.33 -11.27
N ILE A 149 -7.30 -14.35 -10.68
CA ILE A 149 -8.00 -15.40 -9.93
C ILE A 149 -7.61 -15.30 -8.46
N PHE A 150 -8.57 -15.54 -7.57
CA PHE A 150 -8.27 -15.67 -6.14
C PHE A 150 -9.11 -16.80 -5.56
N ALA A 151 -8.44 -17.85 -5.09
CA ALA A 151 -9.13 -18.96 -4.44
C ALA A 151 -10.23 -19.52 -5.34
N GLY A 152 -9.92 -19.70 -6.61
CA GLY A 152 -10.82 -20.35 -7.55
C GLY A 152 -11.84 -19.43 -8.20
N LYS A 153 -11.90 -18.18 -7.78
CA LYS A 153 -12.86 -17.23 -8.33
C LYS A 153 -12.20 -16.11 -9.14
N GLN A 154 -12.76 -15.80 -10.31
CA GLN A 154 -12.22 -14.73 -11.12
C GLN A 154 -12.69 -13.36 -10.61
N LEU A 155 -11.75 -12.44 -10.44
CA LEU A 155 -12.08 -11.10 -9.97
C LEU A 155 -12.73 -10.29 -11.10
N GLU A 156 -13.93 -9.78 -10.86
CA GLU A 156 -14.69 -9.05 -11.88
C GLU A 156 -14.66 -7.54 -11.72
N ASP A 157 -14.46 -6.84 -12.84
CA ASP A 157 -14.59 -5.37 -12.90
C ASP A 157 -15.91 -4.98 -12.25
N GLY A 158 -15.92 -3.90 -11.48
CA GLY A 158 -17.14 -3.46 -10.83
C GLY A 158 -17.19 -3.84 -9.37
N ARG A 159 -16.53 -4.93 -9.04
CA ARG A 159 -16.43 -5.37 -7.65
C ARG A 159 -15.18 -4.77 -7.03
N THR A 160 -15.11 -4.80 -5.71
CA THR A 160 -13.93 -4.35 -4.97
C THR A 160 -13.21 -5.55 -4.37
N LEU A 161 -11.97 -5.34 -3.95
CA LEU A 161 -11.19 -6.38 -3.29
C LEU A 161 -11.94 -6.94 -2.07
N SER A 162 -12.61 -6.08 -1.32
CA SER A 162 -13.35 -6.50 -0.13
C SER A 162 -14.48 -7.49 -0.47
N ASP A 163 -15.06 -7.36 -1.67
CA ASP A 163 -16.07 -8.28 -2.11
C ASP A 163 -15.56 -9.71 -2.15
N TYR A 164 -14.23 -9.87 -2.21
CA TYR A 164 -13.65 -11.19 -2.30
C TYR A 164 -12.88 -11.55 -1.02
N ASN A 165 -13.00 -10.69 -0.01
CA ASN A 165 -12.24 -10.86 1.23
C ASN A 165 -10.75 -10.99 1.02
N ILE A 166 -10.24 -10.23 0.06
CA ILE A 166 -8.81 -10.14 -0.17
C ILE A 166 -8.25 -9.14 0.84
N GLN A 167 -7.13 -9.48 1.46
CA GLN A 167 -6.57 -8.60 2.50
C GLN A 167 -5.05 -8.59 2.48
N LYS A 168 -4.46 -7.88 3.44
CA LYS A 168 -3.01 -7.87 3.60
C LYS A 168 -2.42 -9.26 3.41
N GLU A 169 -1.39 -9.34 2.58
CA GLU A 169 -0.62 -10.56 2.38
C GLU A 169 -1.29 -11.62 1.53
N SER A 170 -2.54 -11.39 1.12
CA SER A 170 -3.20 -12.30 0.18
C SER A 170 -2.43 -12.32 -1.13
N THR A 171 -2.53 -13.43 -1.86
CA THR A 171 -1.88 -13.55 -3.15
C THR A 171 -2.90 -13.72 -4.28
N LEU A 172 -2.77 -12.87 -5.30
CA LEU A 172 -3.60 -12.94 -6.52
C LEU A 172 -2.83 -13.66 -7.62
N HIS A 173 -3.54 -14.34 -8.52
CA HIS A 173 -2.90 -15.09 -9.59
C HIS A 173 -3.32 -14.59 -10.97
N LEU A 174 -2.37 -14.13 -11.76
CA LEU A 174 -2.65 -13.80 -13.16
C LEU A 174 -2.71 -15.07 -14.00
N VAL A 175 -3.74 -15.19 -14.83
CA VAL A 175 -3.87 -16.33 -15.74
C VAL A 175 -3.98 -15.87 -17.19
N LEU A 176 -3.60 -16.73 -18.12
CA LEU A 176 -3.46 -16.35 -19.53
C LEU A 176 -4.76 -15.79 -20.13
N ARG A 177 -4.65 -14.60 -20.71
CA ARG A 177 -5.76 -13.99 -21.46
C ARG A 177 -5.22 -13.51 -22.81
N LEU A 178 -5.74 -14.07 -23.90
CA LEU A 178 -5.18 -13.78 -25.21
C LEU A 178 -6.13 -13.02 -26.15
N ARG A 179 -7.36 -12.78 -25.70
CA ARG A 179 -8.36 -12.21 -26.61
C ARG A 179 -8.20 -10.71 -26.86
N GLY A 180 -7.27 -10.09 -26.14
CA GLY A 180 -6.99 -8.68 -26.31
C GLY A 180 -8.20 -7.78 -26.11
N GLY A 181 -8.32 -6.76 -26.95
CA GLY A 181 -9.46 -5.88 -26.91
C GLY A 181 -9.20 -4.56 -26.22
N GLY A 182 -10.01 -3.57 -26.55
CA GLY A 182 -9.97 -2.28 -25.91
C GLY A 182 -11.16 -2.14 -24.99
N GLN A 183 -11.70 -0.94 -24.87
CA GLN A 183 -12.82 -0.73 -23.98
C GLN A 183 -14.11 -1.40 -24.47
N THR A 184 -14.88 -1.90 -23.52
CA THR A 184 -16.14 -2.57 -23.80
C THR A 184 -17.24 -1.88 -23.03
N PHE A 185 -18.44 -1.90 -23.60
CA PHE A 185 -19.57 -1.24 -22.98
C PHE A 185 -20.69 -2.23 -22.67
N THR A 186 -21.49 -1.90 -21.68
CA THR A 186 -22.60 -2.71 -21.24
C THR A 186 -23.82 -1.82 -21.04
N LYS A 187 -24.99 -2.28 -21.49
CA LYS A 187 -26.23 -1.55 -21.35
C LYS A 187 -26.73 -1.56 -19.91
N ILE A 188 -27.11 -0.41 -19.39
CA ILE A 188 -27.79 -0.35 -18.09
C ILE A 188 -29.26 -0.19 -18.35
N ARG A 189 -30.06 -1.22 -18.09
CA ARG A 189 -31.47 -1.15 -18.40
C ARG A 189 -32.19 -0.16 -17.48
S SO4 B . -8.94 -16.12 -23.63
O1 SO4 B . -9.13 -16.84 -22.38
O2 SO4 B . -8.97 -14.67 -23.43
O3 SO4 B . -7.65 -16.49 -24.21
O4 SO4 B . -10.05 -16.45 -24.54
S SO4 C . -11.31 -2.92 -29.77
O1 SO4 C . -11.91 -3.43 -28.54
O2 SO4 C . -9.93 -2.46 -29.54
O3 SO4 C . -11.29 -4.03 -30.72
O4 SO4 C . -12.12 -1.83 -30.30
S SO4 D . -12.49 -11.80 -19.26
O1 SO4 D . -13.41 -12.32 -18.26
O2 SO4 D . -11.14 -11.71 -18.71
O3 SO4 D . -12.45 -12.67 -20.43
O4 SO4 D . -12.94 -10.47 -19.64
S SO4 E . 3.78 -0.28 -4.40
O1 SO4 E . 3.64 -1.64 -3.89
O2 SO4 E . 4.13 0.59 -3.27
O3 SO4 E . 4.82 -0.25 -5.42
O4 SO4 E . 2.54 0.23 -5.00
S SO4 F . 1.90 -0.16 4.14
O1 SO4 F . 0.84 0.24 5.08
O2 SO4 F . 3.20 -0.06 4.79
O3 SO4 F . 1.75 -1.53 3.67
O4 SO4 F . 1.81 0.80 3.03
S SO4 G . 0.46 -5.59 11.13
O1 SO4 G . -0.19 -6.74 11.73
O2 SO4 G . 1.64 -5.20 11.88
O3 SO4 G . 0.88 -5.94 9.77
O4 SO4 G . -0.45 -4.47 11.13
S SO4 H . 14.85 10.80 -0.77
O1 SO4 H . 13.71 11.07 0.11
O2 SO4 H . 16.06 10.71 0.05
O3 SO4 H . 14.66 9.54 -1.48
O4 SO4 H . 14.94 11.88 -1.76
S SO4 I . 14.91 3.55 0.20
O1 SO4 I . 13.89 3.92 1.17
O2 SO4 I . 16.07 3.01 0.91
O3 SO4 I . 14.36 2.53 -0.69
O4 SO4 I . 15.33 4.72 -0.59
S SO4 J . -2.99 14.54 16.31
O1 SO4 J . -3.27 14.43 17.74
O2 SO4 J . -2.03 15.63 16.12
O3 SO4 J . -2.45 13.25 15.84
O4 SO4 J . -4.26 14.85 15.60
S SO4 K . 17.33 17.81 2.94
O1 SO4 K . 17.55 16.65 3.79
O2 SO4 K . 17.11 18.98 3.79
O3 SO4 K . 18.51 18.07 2.12
O4 SO4 K . 16.18 17.61 2.07
S SO4 L . 7.54 2.51 -10.22
O1 SO4 L . 7.39 3.17 -8.92
O2 SO4 L . 8.82 2.87 -10.81
O3 SO4 L . 7.46 1.05 -10.04
O4 SO4 L . 6.46 2.96 -11.10
S SO4 M . 10.21 -11.09 -15.30
O1 SO4 M . 8.82 -10.94 -14.87
O2 SO4 M . 10.98 -9.93 -14.85
O3 SO4 M . 10.78 -12.32 -14.74
O4 SO4 M . 10.25 -11.18 -16.76
S SO4 N . -20.09 -10.51 -10.81
O1 SO4 N . -19.24 -10.15 -9.67
O2 SO4 N . -19.79 -9.62 -11.94
O3 SO4 N . -19.84 -11.90 -11.20
O4 SO4 N . -21.48 -10.33 -10.41
S SO4 O . -15.73 -17.99 -11.92
O1 SO4 O . -14.86 -17.21 -11.03
O2 SO4 O . -17.11 -17.56 -11.70
O3 SO4 O . -15.35 -17.76 -13.31
O4 SO4 O . -15.61 -19.42 -11.60
S SO4 P . -3.94 -16.52 0.33
O1 SO4 P . -4.51 -17.79 -0.12
O2 SO4 P . -2.53 -16.72 0.67
O3 SO4 P . -4.03 -15.53 -0.74
O4 SO4 P . -4.69 -16.03 1.50
S SO4 Q . 3.41 21.44 -6.68
O1 SO4 Q . 3.15 20.13 -7.30
O2 SO4 Q . 4.15 21.27 -5.43
O3 SO4 Q . 4.21 22.27 -7.60
O4 SO4 Q . 2.16 22.13 -6.40
#